data_8G2M
#
_entry.id   8G2M
#
_cell.length_a   130.180
_cell.length_b   55.230
_cell.length_c   73.860
_cell.angle_alpha   90.00
_cell.angle_beta   118.70
_cell.angle_gamma   90.00
#
_symmetry.space_group_name_H-M   'C 1 2 1'
#
loop_
_entity.id
_entity.type
_entity.pdbx_description
1 polymer 'masking peptide'
2 polymer 'Heavy chain of humanized IgG'
3 polymer 'Light chain of humanized IgG'
4 non-polymer 'CITRIC ACID'
5 water water
#
loop_
_entity_poly.entity_id
_entity_poly.type
_entity_poly.pdbx_seq_one_letter_code
_entity_poly.pdbx_strand_id
1 'polypeptide(L)' CPFPALELC F
2 'polypeptide(L)'
;QVQLVQSGAEVKKPGSSVKVSCKASGYTFTNYFMNWVRQAPGQGLEWMGRVDPEQGRADYAEKFKKRVTITADKSTSTAY
MELSSLRSEDTAVYYCARRAMDNYGFAYWGQGTLVTVSSASTKGPSVFPLAPSSKSAGGTAALGCLVKDYFPEPVTVSWN
SGALTSGVHTFPAVLQSSGLYSLSSVVTVPSSSLGTQTYICNVNHKPSNTKVDKKVEPKA
;
H
3 'polypeptide(L)'
;PDFQSVTPKEKVTITCSANGYMYWYQQKPDQSPKLWVHGTSNLASGVPSRFSGSGSGTDFTLTINSLEAEDAATYYCHHW
SNTQWTFGGGTKVEIKRTVAAPSVFIFPPSDEQLKSGTASVVCLLNNFYPREAKVQWKVDNALQSGNSQESVTEQDSKDS
TYSLSSTLTLSKADYEKHKVYACEVTHQGLSSPVTKSFNRGE
;
L
#
# COMPACT_ATOMS: atom_id res chain seq x y z
N CYS A 1 -3.97 28.37 19.50
CA CYS A 1 -4.94 28.00 20.51
C CYS A 1 -4.56 26.65 21.13
N PRO A 2 -4.55 26.53 22.48
CA PRO A 2 -4.13 25.27 23.10
C PRO A 2 -5.25 24.26 23.39
N PHE A 3 -6.39 24.38 22.69
CA PHE A 3 -7.53 23.50 22.93
C PHE A 3 -7.88 22.65 21.71
N PRO A 4 -8.55 21.47 21.87
CA PRO A 4 -8.84 20.57 20.77
C PRO A 4 -9.95 20.93 19.78
N ALA A 5 -10.68 22.02 20.05
CA ALA A 5 -11.83 22.41 19.24
C ALA A 5 -11.98 23.93 19.27
N LEU A 6 -12.46 24.48 18.15
CA LEU A 6 -12.49 25.92 17.97
C LEU A 6 -13.38 26.64 18.98
N GLU A 7 -14.44 25.95 19.45
CA GLU A 7 -15.40 26.55 20.37
C GLU A 7 -14.79 26.78 21.74
N LEU A 8 -13.57 26.26 21.96
CA LEU A 8 -12.85 26.47 23.21
C LEU A 8 -11.77 27.56 23.15
N CYS A 9 -11.56 28.13 21.95
CA CYS A 9 -10.51 29.12 21.74
C CYS A 9 -11.01 30.56 21.98
N GLN B 1 -24.79 15.69 4.73
CA GLN B 1 -24.29 16.41 3.58
C GLN B 1 -23.13 17.35 3.89
N VAL B 2 -22.42 17.15 5.01
CA VAL B 2 -21.08 17.70 5.15
C VAL B 2 -20.17 17.03 4.13
N GLN B 3 -19.48 17.84 3.30
CA GLN B 3 -18.60 17.34 2.26
C GLN B 3 -17.30 18.13 2.24
N LEU B 4 -16.18 17.43 2.00
CA LEU B 4 -14.87 18.03 1.89
C LEU B 4 -14.21 17.49 0.62
N VAL B 5 -14.00 18.36 -0.38
CA VAL B 5 -13.54 17.94 -1.70
C VAL B 5 -12.18 18.59 -1.95
N GLN B 6 -11.14 17.75 -2.10
CA GLN B 6 -9.78 18.22 -2.31
C GLN B 6 -9.38 18.29 -3.78
N SER B 7 -8.31 19.06 -4.03
CA SER B 7 -7.71 19.16 -5.35
C SER B 7 -7.00 17.84 -5.68
N GLY B 8 -6.67 17.69 -6.96
CA GLY B 8 -6.13 16.47 -7.52
C GLY B 8 -4.64 16.24 -7.25
N ALA B 9 -4.19 15.04 -7.60
CA ALA B 9 -2.81 14.62 -7.36
C ALA B 9 -1.81 15.49 -8.11
N GLU B 10 -0.62 15.60 -7.51
CA GLU B 10 0.44 16.43 -8.04
C GLU B 10 1.73 15.61 -7.98
N VAL B 11 2.45 15.60 -9.10
CA VAL B 11 3.79 15.04 -9.15
C VAL B 11 4.76 16.22 -9.18
N LYS B 12 5.68 16.26 -8.21
CA LYS B 12 6.53 17.42 -8.01
C LYS B 12 8.02 17.08 -8.00
N LYS B 13 8.86 18.03 -8.45
CA LYS B 13 10.31 17.93 -8.31
C LYS B 13 10.76 18.47 -6.96
N PRO B 14 11.83 17.92 -6.33
CA PRO B 14 12.42 18.57 -5.16
C PRO B 14 12.72 20.06 -5.37
N GLY B 15 12.48 20.86 -4.33
CA GLY B 15 12.67 22.30 -4.41
C GLY B 15 11.40 23.08 -4.74
N SER B 16 10.39 22.40 -5.30
CA SER B 16 9.14 23.05 -5.68
C SER B 16 8.19 23.22 -4.50
N SER B 17 7.07 23.92 -4.74
CA SER B 17 5.99 23.99 -3.78
CA SER B 17 5.97 24.01 -3.79
C SER B 17 4.69 23.48 -4.38
N VAL B 18 3.75 23.12 -3.51
CA VAL B 18 2.43 22.71 -3.92
C VAL B 18 1.44 23.30 -2.92
N LYS B 19 0.28 23.73 -3.42
CA LYS B 19 -0.78 24.25 -2.58
C LYS B 19 -2.03 23.43 -2.83
N VAL B 20 -2.39 22.63 -1.83
CA VAL B 20 -3.52 21.72 -1.88
C VAL B 20 -4.75 22.45 -1.34
N SER B 21 -5.90 22.24 -1.99
CA SER B 21 -7.13 22.88 -1.54
C SER B 21 -8.14 21.85 -1.02
N CYS B 22 -9.06 22.35 -0.19
CA CYS B 22 -10.10 21.56 0.44
C CYS B 22 -11.36 22.45 0.49
N LYS B 23 -12.32 22.17 -0.42
CA LYS B 23 -13.56 22.91 -0.51
C LYS B 23 -14.61 22.28 0.40
N ALA B 24 -15.12 23.08 1.35
CA ALA B 24 -16.10 22.61 2.33
C ALA B 24 -17.51 23.00 1.95
N SER B 25 -18.48 22.11 2.19
CA SER B 25 -19.89 22.43 2.04
C SER B 25 -20.74 21.66 3.05
N GLY B 26 -21.97 22.14 3.24
CA GLY B 26 -22.96 21.48 4.07
C GLY B 26 -23.00 21.90 5.54
N TYR B 27 -22.16 22.89 5.89
CA TYR B 27 -22.14 23.49 7.22
C TYR B 27 -21.58 24.91 7.14
N THR B 28 -21.68 25.64 8.27
CA THR B 28 -21.14 26.98 8.41
C THR B 28 -19.61 26.93 8.54
N PHE B 29 -18.93 27.40 7.49
CA PHE B 29 -17.50 27.21 7.34
C PHE B 29 -16.70 27.73 8.55
N THR B 30 -17.08 28.91 9.05
CA THR B 30 -16.39 29.52 10.18
C THR B 30 -16.60 28.87 11.54
N ASN B 31 -17.54 27.93 11.63
CA ASN B 31 -17.84 27.29 12.90
C ASN B 31 -16.77 26.30 13.38
N TYR B 32 -15.88 25.84 12.48
CA TYR B 32 -14.97 24.75 12.82
C TYR B 32 -13.55 24.94 12.31
N PHE B 33 -12.57 24.43 13.05
CA PHE B 33 -11.23 24.28 12.49
C PHE B 33 -11.27 23.42 11.24
N MET B 34 -10.38 23.73 10.29
CA MET B 34 -10.03 22.74 9.29
C MET B 34 -8.63 22.22 9.61
N ASN B 35 -8.55 20.90 9.84
CA ASN B 35 -7.31 20.19 10.12
C ASN B 35 -6.66 19.66 8.84
N TRP B 36 -5.34 19.52 8.89
CA TRP B 36 -4.63 18.76 7.87
C TRP B 36 -3.83 17.60 8.47
N VAL B 37 -3.86 16.47 7.76
CA VAL B 37 -3.27 15.22 8.21
C VAL B 37 -2.44 14.63 7.07
N ARG B 38 -1.22 14.18 7.38
CA ARG B 38 -0.35 13.51 6.41
C ARG B 38 -0.33 12.00 6.60
N GLN B 39 -0.29 11.24 5.50
CA GLN B 39 -0.06 9.80 5.58
C GLN B 39 0.90 9.40 4.46
N ALA B 40 2.17 9.18 4.83
CA ALA B 40 3.16 8.69 3.89
C ALA B 40 2.85 7.24 3.44
N PRO B 41 3.29 6.80 2.24
CA PRO B 41 2.89 5.49 1.72
C PRO B 41 3.15 4.36 2.70
N GLY B 42 2.08 3.63 3.07
CA GLY B 42 2.17 2.46 3.92
C GLY B 42 2.47 2.75 5.40
N GLN B 43 2.37 4.03 5.79
CA GLN B 43 2.76 4.52 7.10
C GLN B 43 1.53 5.11 7.80
N GLY B 44 1.74 5.67 9.01
CA GLY B 44 0.64 6.10 9.85
C GLY B 44 0.09 7.49 9.53
N LEU B 45 -1.00 7.85 10.22
CA LEU B 45 -1.54 9.20 10.16
C LEU B 45 -0.75 10.17 11.04
N GLU B 46 -0.52 11.41 10.55
CA GLU B 46 0.19 12.43 11.31
C GLU B 46 -0.54 13.78 11.24
N TRP B 47 -0.85 14.38 12.40
CA TRP B 47 -1.53 15.66 12.42
C TRP B 47 -0.49 16.73 12.10
N MET B 48 -0.81 17.56 11.09
CA MET B 48 0.08 18.62 10.64
C MET B 48 -0.24 19.98 11.26
N GLY B 49 -1.53 20.32 11.29
CA GLY B 49 -1.97 21.60 11.80
C GLY B 49 -3.41 21.89 11.43
N ARG B 50 -3.82 23.14 11.64
CA ARG B 50 -5.21 23.54 11.46
C ARG B 50 -5.32 25.05 11.29
N VAL B 51 -6.45 25.48 10.72
CA VAL B 51 -6.73 26.89 10.55
C VAL B 51 -8.14 27.18 11.07
N ASP B 52 -8.24 28.29 11.79
CA ASP B 52 -9.47 28.90 12.27
C ASP B 52 -9.97 29.82 11.17
N PRO B 53 -11.00 29.43 10.39
CA PRO B 53 -11.44 30.24 9.25
C PRO B 53 -12.09 31.57 9.59
N GLU B 54 -12.52 31.74 10.86
CA GLU B 54 -13.12 32.98 11.30
C GLU B 54 -12.06 34.07 11.39
N GLN B 55 -10.94 33.76 12.05
CA GLN B 55 -9.90 34.75 12.33
C GLN B 55 -8.61 34.59 11.52
N GLY B 56 -8.50 33.47 10.79
CA GLY B 56 -7.35 33.20 9.96
C GLY B 56 -6.18 32.55 10.68
N ARG B 57 -6.30 32.36 12.00
CA ARG B 57 -5.18 31.90 12.80
C ARG B 57 -4.90 30.43 12.51
N ALA B 58 -3.62 30.05 12.44
CA ALA B 58 -3.25 28.65 12.28
C ALA B 58 -2.39 28.16 13.45
N ASP B 59 -2.47 26.85 13.71
CA ASP B 59 -1.62 26.14 14.65
C ASP B 59 -0.92 25.03 13.88
N TYR B 60 0.36 24.77 14.21
CA TYR B 60 1.16 23.76 13.53
C TYR B 60 1.69 22.79 14.57
N ALA B 61 1.72 21.50 14.21
CA ALA B 61 2.34 20.46 15.02
C ALA B 61 3.83 20.71 15.02
N GLU B 62 4.51 20.23 16.06
CA GLU B 62 5.94 20.40 16.23
C GLU B 62 6.72 19.95 15.00
N LYS B 63 6.29 18.83 14.42
CA LYS B 63 7.03 18.22 13.33
C LYS B 63 6.84 19.04 12.05
N PHE B 64 5.81 19.90 12.02
CA PHE B 64 5.41 20.63 10.82
C PHE B 64 5.46 22.15 10.98
N LYS B 65 6.44 22.62 11.78
CA LYS B 65 6.59 24.05 12.05
C LYS B 65 7.45 24.77 11.01
N LYS B 66 7.93 24.03 10.02
CA LYS B 66 8.64 24.61 8.89
C LYS B 66 8.04 24.11 7.58
N ARG B 67 7.97 25.01 6.58
CA ARG B 67 7.61 24.66 5.22
C ARG B 67 6.13 24.32 5.04
N VAL B 68 5.29 24.58 6.04
CA VAL B 68 3.86 24.30 5.98
C VAL B 68 3.11 25.59 6.30
N THR B 69 2.23 26.01 5.39
CA THR B 69 1.42 27.21 5.56
C THR B 69 -0.04 26.84 5.31
N ILE B 70 -0.87 26.98 6.36
CA ILE B 70 -2.27 26.57 6.31
C ILE B 70 -3.14 27.81 6.42
N THR B 71 -4.04 27.98 5.45
CA THR B 71 -4.87 29.16 5.33
C THR B 71 -6.32 28.80 4.98
N ALA B 72 -7.17 29.83 4.97
CA ALA B 72 -8.57 29.64 4.61
C ALA B 72 -9.15 30.88 3.96
N ASP B 73 -10.01 30.66 2.96
CA ASP B 73 -10.72 31.72 2.28
C ASP B 73 -12.19 31.55 2.62
N LYS B 74 -12.69 32.44 3.48
CA LYS B 74 -14.08 32.45 3.89
C LYS B 74 -15.07 32.57 2.73
N SER B 75 -14.75 33.38 1.72
CA SER B 75 -15.69 33.68 0.65
C SER B 75 -15.96 32.51 -0.32
N THR B 76 -15.04 31.53 -0.36
CA THR B 76 -15.20 30.33 -1.17
C THR B 76 -15.24 29.06 -0.33
N SER B 77 -15.28 29.20 1.00
CA SER B 77 -15.33 28.06 1.90
C SER B 77 -14.24 27.05 1.60
N THR B 78 -13.04 27.58 1.32
CA THR B 78 -11.92 26.73 0.92
C THR B 78 -10.74 26.92 1.87
N ALA B 79 -10.21 25.80 2.37
CA ALA B 79 -8.98 25.78 3.14
C ALA B 79 -7.83 25.33 2.24
N TYR B 80 -6.62 25.80 2.56
CA TYR B 80 -5.46 25.44 1.77
C TYR B 80 -4.30 24.99 2.66
N MET B 81 -3.43 24.16 2.10
CA MET B 81 -2.16 23.87 2.73
C MET B 81 -1.05 23.93 1.70
N GLU B 82 -0.14 24.89 1.90
CA GLU B 82 1.00 25.07 1.03
C GLU B 82 2.25 24.41 1.64
N LEU B 83 2.88 23.54 0.85
CA LEU B 83 4.08 22.83 1.23
C LEU B 83 5.21 23.35 0.36
N SER B 84 6.24 23.93 1.00
CA SER B 84 7.33 24.57 0.27
C SER B 84 8.61 23.74 0.35
N SER B 85 9.58 24.08 -0.53
CA SER B 85 10.87 23.40 -0.55
C SER B 85 10.72 21.89 -0.45
N LEU B 86 9.95 21.29 -1.36
CA LEU B 86 9.58 19.89 -1.27
C LEU B 86 10.77 18.94 -1.38
N ARG B 87 10.64 17.78 -0.70
CA ARG B 87 11.68 16.76 -0.60
C ARG B 87 10.99 15.42 -0.85
N SER B 88 11.77 14.41 -1.27
CA SER B 88 11.19 13.11 -1.61
C SER B 88 10.37 12.52 -0.46
N GLU B 89 10.83 12.74 0.78
CA GLU B 89 10.16 12.26 1.98
C GLU B 89 8.84 12.98 2.26
N ASP B 90 8.53 14.04 1.50
CA ASP B 90 7.21 14.68 1.55
C ASP B 90 6.14 13.90 0.77
N THR B 91 6.56 12.87 0.04
CA THR B 91 5.64 12.01 -0.69
C THR B 91 4.64 11.39 0.28
N ALA B 92 3.36 11.69 0.06
CA ALA B 92 2.32 11.28 0.98
C ALA B 92 0.93 11.59 0.44
N VAL B 93 -0.09 10.97 1.04
CA VAL B 93 -1.45 11.45 0.89
C VAL B 93 -1.72 12.50 1.97
N TYR B 94 -2.25 13.64 1.57
CA TYR B 94 -2.63 14.70 2.49
C TYR B 94 -4.15 14.82 2.57
N TYR B 95 -4.69 14.81 3.80
CA TYR B 95 -6.12 14.92 4.04
C TYR B 95 -6.48 16.19 4.79
N CYS B 96 -7.62 16.79 4.43
CA CYS B 96 -8.30 17.73 5.31
C CYS B 96 -9.38 17.01 6.11
N ALA B 97 -9.61 17.46 7.35
CA ALA B 97 -10.54 16.80 8.24
C ALA B 97 -11.25 17.77 9.18
N ARG B 98 -12.56 17.55 9.39
CA ARG B 98 -13.39 18.35 10.29
C ARG B 98 -13.92 17.46 11.39
N ARG B 99 -14.09 18.02 12.58
CA ARG B 99 -14.61 17.25 13.70
C ARG B 99 -16.08 16.93 13.51
N ALA B 100 -16.55 15.94 14.27
CA ALA B 100 -17.95 15.66 14.47
C ALA B 100 -18.73 16.86 15.00
N MET B 101 -20.05 16.82 14.75
CA MET B 101 -20.98 17.71 15.41
C MET B 101 -20.92 17.65 16.93
N ASP B 102 -20.92 16.44 17.51
CA ASP B 102 -21.16 16.31 18.94
C ASP B 102 -19.97 15.77 19.73
N ASN B 103 -18.79 15.74 19.08
CA ASN B 103 -17.57 15.31 19.73
C ASN B 103 -16.39 15.86 18.96
N TYR B 104 -15.20 15.78 19.56
CA TYR B 104 -14.00 16.36 18.95
C TYR B 104 -13.20 15.46 18.00
N GLY B 105 -13.65 14.21 17.85
CA GLY B 105 -13.07 13.32 16.86
C GLY B 105 -13.30 13.80 15.43
N PHE B 106 -12.39 13.39 14.52
CA PHE B 106 -12.45 13.80 13.11
C PHE B 106 -13.44 12.91 12.33
N ALA B 107 -14.70 13.33 12.28
CA ALA B 107 -15.72 12.51 11.61
C ALA B 107 -15.69 12.66 10.09
N TYR B 108 -15.26 13.84 9.61
CA TYR B 108 -15.36 14.16 8.20
C TYR B 108 -13.97 14.39 7.59
N TRP B 109 -13.67 13.61 6.54
CA TRP B 109 -12.39 13.62 5.86
C TRP B 109 -12.57 13.92 4.37
N GLY B 110 -11.63 14.67 3.80
CA GLY B 110 -11.57 14.78 2.35
C GLY B 110 -11.15 13.44 1.76
N GLN B 111 -11.09 13.37 0.43
CA GLN B 111 -10.78 12.12 -0.25
C GLN B 111 -9.27 11.89 -0.30
N GLY B 112 -8.50 12.91 0.11
CA GLY B 112 -7.05 12.83 0.05
C GLY B 112 -6.48 13.40 -1.23
N THR B 113 -5.25 13.93 -1.14
CA THR B 113 -4.50 14.42 -2.28
C THR B 113 -3.12 13.77 -2.22
N LEU B 114 -2.80 12.96 -3.25
CA LEU B 114 -1.47 12.37 -3.40
C LEU B 114 -0.48 13.38 -3.94
N VAL B 115 0.59 13.61 -3.17
CA VAL B 115 1.70 14.43 -3.63
C VAL B 115 2.92 13.52 -3.72
N THR B 116 3.44 13.35 -4.94
CA THR B 116 4.65 12.57 -5.15
C THR B 116 5.82 13.51 -5.49
N VAL B 117 6.92 13.37 -4.73
CA VAL B 117 8.07 14.23 -4.91
C VAL B 117 9.23 13.36 -5.38
N SER B 118 9.71 13.61 -6.61
CA SER B 118 10.79 12.84 -7.18
C SER B 118 11.52 13.66 -8.23
N SER B 119 12.83 13.40 -8.37
CA SER B 119 13.62 13.99 -9.43
C SER B 119 13.44 13.26 -10.76
N ALA B 120 12.75 12.11 -10.76
CA ALA B 120 12.51 11.36 -11.99
C ALA B 120 11.63 12.12 -12.98
N SER B 121 11.80 11.80 -14.27
CA SER B 121 10.97 12.36 -15.32
C SER B 121 10.01 11.31 -15.85
N THR B 122 8.89 11.77 -16.43
CA THR B 122 7.92 10.90 -17.07
C THR B 122 8.63 9.93 -18.01
N LYS B 123 8.25 8.65 -17.94
CA LYS B 123 8.88 7.59 -18.69
C LYS B 123 7.95 6.39 -18.77
N GLY B 124 7.69 5.91 -20.00
CA GLY B 124 6.83 4.76 -20.20
C GLY B 124 7.56 3.44 -19.96
N PRO B 125 6.84 2.36 -19.61
CA PRO B 125 7.46 1.07 -19.30
C PRO B 125 7.87 0.25 -20.52
N SER B 126 8.80 -0.69 -20.30
CA SER B 126 8.98 -1.82 -21.19
C SER B 126 8.20 -3.00 -20.64
N VAL B 127 7.66 -3.84 -21.54
CA VAL B 127 6.85 -4.97 -21.09
C VAL B 127 7.49 -6.28 -21.58
N PHE B 128 7.81 -7.17 -20.64
CA PHE B 128 8.51 -8.41 -20.97
C PHE B 128 7.68 -9.61 -20.51
N PRO B 129 7.68 -10.72 -21.28
CA PRO B 129 6.95 -11.92 -20.87
C PRO B 129 7.59 -12.65 -19.69
N LEU B 130 6.73 -13.16 -18.81
CA LEU B 130 7.08 -14.21 -17.88
C LEU B 130 6.48 -15.50 -18.46
N ALA B 131 7.26 -16.18 -19.31
CA ALA B 131 6.75 -17.27 -20.12
C ALA B 131 6.48 -18.51 -19.26
N PRO B 132 5.39 -19.27 -19.52
CA PRO B 132 5.11 -20.51 -18.77
C PRO B 132 6.21 -21.55 -18.95
N SER B 133 6.62 -22.22 -17.86
CA SER B 133 7.72 -23.17 -17.86
C SER B 133 7.37 -24.38 -18.72
N SER B 134 8.39 -24.94 -19.39
CA SER B 134 8.25 -26.16 -20.19
C SER B 134 8.08 -27.42 -19.37
N LYS B 135 8.33 -27.32 -18.05
CA LYS B 135 8.14 -28.41 -17.11
C LYS B 135 6.75 -28.47 -16.45
N SER B 136 5.85 -27.55 -16.87
CA SER B 136 4.49 -27.52 -16.35
C SER B 136 3.76 -28.86 -16.48
N ALA B 137 3.01 -29.22 -15.43
CA ALA B 137 2.21 -30.45 -15.41
C ALA B 137 3.00 -31.66 -15.92
N GLY B 138 0.14 -31.13 -9.96
CA GLY B 138 0.38 -30.24 -11.08
C GLY B 138 -0.92 -29.83 -11.77
N GLY B 139 -0.88 -29.77 -13.11
CA GLY B 139 -2.02 -29.34 -13.91
C GLY B 139 -2.15 -27.82 -14.07
N THR B 140 -1.50 -27.05 -13.19
CA THR B 140 -1.57 -25.59 -13.22
C THR B 140 -0.24 -24.97 -13.64
N ALA B 141 -0.31 -24.02 -14.59
CA ALA B 141 0.85 -23.23 -14.95
C ALA B 141 0.71 -21.75 -14.59
N ALA B 142 1.84 -21.11 -14.28
CA ALA B 142 1.87 -19.68 -14.07
C ALA B 142 2.56 -18.99 -15.23
N LEU B 143 2.05 -17.80 -15.57
CA LEU B 143 2.67 -16.93 -16.56
C LEU B 143 2.39 -15.49 -16.15
N GLY B 144 3.03 -14.54 -16.81
CA GLY B 144 2.87 -13.13 -16.45
C GLY B 144 3.55 -12.13 -17.37
N CYS B 145 3.60 -10.88 -16.91
CA CYS B 145 4.29 -9.78 -17.57
C CYS B 145 5.05 -8.98 -16.52
N LEU B 146 6.29 -8.64 -16.87
CA LEU B 146 7.12 -7.75 -16.09
C LEU B 146 7.03 -6.37 -16.76
N VAL B 147 6.48 -5.40 -16.02
CA VAL B 147 6.33 -4.02 -16.48
C VAL B 147 7.39 -3.17 -15.78
N LYS B 148 8.44 -2.85 -16.53
CA LYS B 148 9.67 -2.34 -15.97
C LYS B 148 9.98 -0.91 -16.41
N ASP B 149 10.49 -0.11 -15.44
CA ASP B 149 11.15 1.16 -15.66
C ASP B 149 10.22 2.28 -16.11
N TYR B 150 9.18 2.54 -15.31
CA TYR B 150 8.24 3.63 -15.60
C TYR B 150 8.14 4.66 -14.49
N PHE B 151 7.63 5.84 -14.85
CA PHE B 151 7.37 6.92 -13.90
C PHE B 151 6.43 7.94 -14.53
N PRO B 152 5.40 8.45 -13.80
CA PRO B 152 5.06 8.03 -12.43
C PRO B 152 4.11 6.84 -12.36
N GLU B 153 3.70 6.47 -11.14
CA GLU B 153 2.59 5.55 -10.98
C GLU B 153 1.32 6.21 -11.50
N PRO B 154 0.27 5.46 -11.90
CA PRO B 154 0.32 4.00 -12.02
C PRO B 154 0.32 3.42 -13.43
N VAL B 155 0.49 2.10 -13.50
CA VAL B 155 0.23 1.33 -14.70
C VAL B 155 -1.04 0.53 -14.37
N THR B 156 -1.84 0.25 -15.40
CA THR B 156 -2.92 -0.74 -15.30
C THR B 156 -2.52 -1.97 -16.13
N VAL B 157 -2.85 -3.15 -15.61
CA VAL B 157 -2.65 -4.40 -16.35
C VAL B 157 -3.95 -5.20 -16.36
N SER B 158 -4.39 -5.59 -17.56
CA SER B 158 -5.47 -6.56 -17.68
C SER B 158 -4.95 -7.75 -18.48
N TRP B 159 -5.74 -8.83 -18.47
CA TRP B 159 -5.43 -10.02 -19.25
C TRP B 159 -6.57 -10.31 -20.21
N ASN B 160 -6.21 -10.59 -21.48
CA ASN B 160 -7.15 -10.92 -22.53
C ASN B 160 -8.30 -9.90 -22.58
N SER B 161 -7.90 -8.62 -22.55
CA SER B 161 -8.81 -7.48 -22.60
C SER B 161 -9.91 -7.49 -21.55
N GLY B 162 -9.59 -8.01 -20.36
CA GLY B 162 -10.54 -8.04 -19.26
C GLY B 162 -11.34 -9.34 -19.08
N ALA B 163 -11.26 -10.24 -20.08
CA ALA B 163 -11.94 -11.53 -20.03
C ALA B 163 -11.32 -12.52 -19.03
N LEU B 164 -10.03 -12.37 -18.73
CA LEU B 164 -9.32 -13.26 -17.81
C LEU B 164 -9.07 -12.48 -16.52
N THR B 165 -9.78 -12.86 -15.46
CA THR B 165 -9.65 -12.21 -14.16
C THR B 165 -9.33 -13.23 -13.06
N SER B 166 -9.85 -14.45 -13.21
CA SER B 166 -9.60 -15.54 -12.28
C SER B 166 -8.11 -15.85 -12.20
N GLY B 167 -7.59 -15.91 -10.96
CA GLY B 167 -6.21 -16.29 -10.70
C GLY B 167 -5.17 -15.22 -11.04
N VAL B 168 -5.62 -13.96 -11.22
CA VAL B 168 -4.68 -12.88 -11.54
C VAL B 168 -4.16 -12.24 -10.26
N HIS B 169 -2.84 -12.06 -10.16
CA HIS B 169 -2.28 -11.24 -9.10
C HIS B 169 -1.42 -10.17 -9.75
N THR B 170 -1.80 -8.90 -9.57
CA THR B 170 -0.96 -7.79 -9.99
C THR B 170 -0.29 -7.17 -8.76
N PHE B 171 1.03 -7.31 -8.66
CA PHE B 171 1.78 -6.93 -7.47
C PHE B 171 1.87 -5.41 -7.30
N PRO B 172 2.03 -4.89 -6.06
CA PRO B 172 2.43 -3.49 -5.90
C PRO B 172 3.74 -3.21 -6.61
N ALA B 173 3.84 -2.00 -7.21
CA ALA B 173 5.08 -1.56 -7.81
C ALA B 173 6.15 -1.41 -6.72
N VAL B 174 7.40 -1.70 -7.12
CA VAL B 174 8.58 -1.45 -6.31
C VAL B 174 9.33 -0.27 -6.91
N LEU B 175 9.84 0.61 -6.05
CA LEU B 175 10.70 1.69 -6.48
C LEU B 175 12.13 1.16 -6.56
N GLN B 176 12.72 1.27 -7.76
CA GLN B 176 14.10 0.88 -8.00
C GLN B 176 15.04 2.02 -7.61
N SER B 177 16.32 1.70 -7.47
CA SER B 177 17.37 2.65 -7.15
C SER B 177 17.49 3.77 -8.18
N SER B 178 17.14 3.46 -9.43
CA SER B 178 17.11 4.42 -10.52
C SER B 178 16.06 5.51 -10.37
N GLY B 179 15.10 5.31 -9.45
CA GLY B 179 13.98 6.23 -9.29
C GLY B 179 12.76 5.87 -10.13
N LEU B 180 12.89 4.79 -10.92
CA LEU B 180 11.79 4.24 -11.69
C LEU B 180 11.13 3.04 -11.02
N TYR B 181 9.84 2.85 -11.32
CA TYR B 181 9.05 1.74 -10.81
C TYR B 181 9.10 0.50 -11.70
N SER B 182 8.87 -0.65 -11.07
CA SER B 182 8.67 -1.90 -11.77
C SER B 182 7.54 -2.67 -11.09
N LEU B 183 6.80 -3.47 -11.88
CA LEU B 183 5.65 -4.20 -11.37
C LEU B 183 5.53 -5.51 -12.15
N SER B 184 5.15 -6.59 -11.45
CA SER B 184 4.80 -7.83 -12.14
C SER B 184 3.31 -8.14 -12.01
N SER B 185 2.73 -8.74 -13.05
CA SER B 185 1.36 -9.24 -13.02
C SER B 185 1.42 -10.69 -13.47
N VAL B 186 0.84 -11.61 -12.69
CA VAL B 186 0.89 -13.02 -13.00
C VAL B 186 -0.52 -13.59 -13.01
N VAL B 187 -0.69 -14.74 -13.68
CA VAL B 187 -1.93 -15.47 -13.67
C VAL B 187 -1.62 -16.96 -13.70
N THR B 188 -2.45 -17.76 -13.02
CA THR B 188 -2.33 -19.21 -13.11
C THR B 188 -3.46 -19.72 -13.99
N VAL B 189 -3.10 -20.66 -14.89
CA VAL B 189 -4.03 -21.20 -15.88
C VAL B 189 -3.83 -22.71 -15.97
N PRO B 190 -4.75 -23.47 -16.61
CA PRO B 190 -4.53 -24.89 -16.88
C PRO B 190 -3.33 -25.09 -17.79
N SER B 191 -2.42 -25.98 -17.38
CA SER B 191 -1.34 -26.44 -18.24
C SER B 191 -1.81 -26.92 -19.61
N SER B 192 -2.96 -27.62 -19.66
CA SER B 192 -3.50 -28.12 -20.91
C SER B 192 -3.90 -27.04 -21.92
N SER B 193 -4.10 -25.80 -21.46
CA SER B 193 -4.48 -24.68 -22.31
C SER B 193 -3.31 -24.04 -23.06
N LEU B 194 -2.07 -24.33 -22.63
CA LEU B 194 -0.91 -23.56 -23.09
C LEU B 194 -0.65 -23.68 -24.59
N GLY B 195 -0.80 -24.88 -25.15
CA GLY B 195 -0.68 -25.04 -26.59
C GLY B 195 -1.82 -24.50 -27.47
N THR B 196 -2.92 -24.05 -26.83
CA THR B 196 -4.16 -23.70 -27.52
C THR B 196 -4.59 -22.24 -27.29
N GLN B 197 -4.60 -21.82 -26.03
CA GLN B 197 -5.17 -20.54 -25.62
C GLN B 197 -4.12 -19.42 -25.62
N THR B 198 -4.50 -18.29 -26.24
CA THR B 198 -3.70 -17.07 -26.26
C THR B 198 -3.85 -16.26 -24.97
N TYR B 199 -2.71 -15.89 -24.37
CA TYR B 199 -2.66 -15.06 -23.19
C TYR B 199 -1.96 -13.75 -23.52
N ILE B 200 -2.68 -12.63 -23.38
CA ILE B 200 -2.14 -11.30 -23.63
C ILE B 200 -2.28 -10.41 -22.40
N CYS B 201 -1.18 -9.78 -21.96
CA CYS B 201 -1.30 -8.78 -20.91
C CYS B 201 -1.43 -7.40 -21.57
N ASN B 202 -2.46 -6.65 -21.16
CA ASN B 202 -2.76 -5.34 -21.71
C ASN B 202 -2.30 -4.29 -20.70
N VAL B 203 -1.28 -3.53 -21.09
CA VAL B 203 -0.60 -2.61 -20.18
C VAL B 203 -0.86 -1.18 -20.66
N ASN B 204 -1.26 -0.31 -19.72
CA ASN B 204 -1.49 1.11 -20.01
C ASN B 204 -0.72 1.97 -19.00
N HIS B 205 0.08 2.92 -19.54
CA HIS B 205 0.71 3.97 -18.75
C HIS B 205 0.26 5.31 -19.31
N LYS B 206 -0.81 5.85 -18.72
CA LYS B 206 -1.44 7.06 -19.26
C LYS B 206 -0.54 8.28 -19.21
N PRO B 207 0.24 8.50 -18.11
CA PRO B 207 1.13 9.66 -18.02
C PRO B 207 2.10 9.85 -19.18
N SER B 208 2.50 8.74 -19.83
CA SER B 208 3.36 8.76 -21.01
C SER B 208 2.64 8.36 -22.31
N ASN B 209 1.32 8.14 -22.22
CA ASN B 209 0.50 7.68 -23.33
C ASN B 209 1.04 6.39 -23.94
N THR B 210 1.45 5.46 -23.07
CA THR B 210 2.03 4.20 -23.50
C THR B 210 0.98 3.10 -23.33
N LYS B 211 0.67 2.41 -24.42
CA LYS B 211 -0.22 1.25 -24.40
C LYS B 211 0.49 0.10 -25.09
N VAL B 212 0.67 -1.01 -24.35
CA VAL B 212 1.35 -2.19 -24.86
C VAL B 212 0.47 -3.42 -24.71
N ASP B 213 0.33 -4.19 -25.80
CA ASP B 213 -0.34 -5.48 -25.75
C ASP B 213 0.71 -6.56 -25.99
N LYS B 214 1.06 -7.29 -24.93
CA LYS B 214 2.15 -8.27 -25.00
C LYS B 214 1.61 -9.69 -24.91
N LYS B 215 1.79 -10.46 -25.98
CA LYS B 215 1.41 -11.87 -25.98
C LYS B 215 2.47 -12.67 -25.24
N VAL B 216 2.02 -13.58 -24.37
CA VAL B 216 2.89 -14.38 -23.52
C VAL B 216 2.72 -15.84 -23.90
N GLU B 217 3.78 -16.44 -24.44
CA GLU B 217 3.72 -17.80 -24.94
C GLU B 217 4.85 -18.69 -24.42
N PRO B 218 4.65 -20.02 -24.39
CA PRO B 218 5.74 -20.96 -24.12
C PRO B 218 6.95 -20.60 -24.96
N LYS B 219 8.13 -20.68 -24.35
CA LYS B 219 9.35 -20.40 -25.09
C LYS B 219 9.76 -21.65 -25.87
N ALA B 220 10.11 -21.46 -27.16
CA ALA B 220 10.55 -22.55 -28.03
C ALA B 220 12.08 -22.50 -28.19
N PRO C 1 3.98 0.31 12.39
CA PRO C 1 2.65 -0.31 12.19
C PRO C 1 2.58 -1.77 12.66
N ASP C 2 1.93 -2.04 13.81
CA ASP C 2 1.87 -3.39 14.35
C ASP C 2 0.96 -4.25 13.48
N PHE C 3 1.18 -5.58 13.53
CA PHE C 3 0.46 -6.53 12.70
C PHE C 3 -0.13 -7.63 13.61
N GLN C 4 -1.44 -7.87 13.48
CA GLN C 4 -2.14 -8.80 14.33
C GLN C 4 -3.04 -9.71 13.49
N SER C 5 -2.86 -11.03 13.62
CA SER C 5 -3.70 -12.01 12.95
C SER C 5 -4.77 -12.54 13.90
N VAL C 6 -6.02 -12.56 13.44
CA VAL C 6 -7.15 -12.94 14.26
C VAL C 6 -8.07 -13.92 13.54
N THR C 7 -8.36 -15.06 14.17
CA THR C 7 -9.31 -16.01 13.61
C THR C 7 -10.73 -15.42 13.69
N PRO C 8 -11.52 -15.47 12.58
CA PRO C 8 -12.92 -15.00 12.64
C PRO C 8 -13.65 -15.60 13.84
N LYS C 9 -14.44 -14.74 14.50
CA LYS C 9 -15.20 -15.04 15.71
C LYS C 9 -14.37 -15.03 17.00
N GLU C 10 -13.06 -14.79 16.93
CA GLU C 10 -12.28 -14.62 18.15
C GLU C 10 -12.20 -13.16 18.54
N LYS C 11 -11.62 -12.89 19.72
CA LYS C 11 -11.57 -11.57 20.32
C LYS C 11 -10.15 -11.02 20.31
N VAL C 12 -10.01 -9.72 19.98
CA VAL C 12 -8.74 -9.01 20.05
C VAL C 12 -8.87 -7.67 20.76
N THR C 13 -7.86 -7.33 21.56
CA THR C 13 -7.80 -6.06 22.26
C THR C 13 -6.51 -5.36 21.84
N ILE C 14 -6.70 -4.15 21.29
CA ILE C 14 -5.58 -3.29 20.91
C ILE C 14 -5.37 -2.22 21.97
N THR C 15 -4.14 -2.13 22.48
CA THR C 15 -3.75 -1.13 23.46
C THR C 15 -2.96 0.04 22.87
N CYS C 16 -3.38 1.25 23.29
N CYS C 16 -3.40 1.25 23.22
CA CYS C 16 -2.75 2.52 22.98
CA CYS C 16 -2.63 2.44 22.98
C CYS C 16 -2.35 3.21 24.28
C CYS C 16 -2.33 3.16 24.29
N SER C 17 -1.05 3.38 24.54
CA SER C 17 -0.57 4.04 25.75
CA SER C 17 -0.64 4.05 25.76
C SER C 17 -0.45 5.54 25.55
N ALA C 18 -0.86 6.35 26.55
CA ALA C 18 -0.85 7.80 26.44
C ALA C 18 -1.15 8.47 27.79
N ASN C 19 -0.74 9.75 27.92
CA ASN C 19 -0.91 10.51 29.15
C ASN C 19 -2.08 11.51 29.04
N GLY C 20 -7.13 12.99 28.68
CA GLY C 20 -8.56 13.27 28.80
C GLY C 20 -9.50 12.29 28.09
N TYR C 21 -9.52 12.38 26.75
CA TYR C 21 -10.34 11.55 25.87
C TYR C 21 -9.54 10.96 24.71
N MET C 22 -9.72 9.65 24.51
CA MET C 22 -9.12 8.95 23.39
C MET C 22 -10.14 8.78 22.25
N TYR C 23 -9.63 8.90 21.01
CA TYR C 23 -10.40 8.63 19.81
C TYR C 23 -9.72 7.53 19.01
N TRP C 24 -10.55 6.76 18.28
CA TRP C 24 -10.10 5.68 17.42
C TRP C 24 -10.71 5.78 16.02
N TYR C 25 -9.92 5.32 15.04
CA TYR C 25 -10.27 5.33 13.63
C TYR C 25 -10.06 3.94 13.03
N GLN C 26 -10.92 3.58 12.09
CA GLN C 26 -10.69 2.47 11.18
C GLN C 26 -10.34 2.99 9.79
N GLN C 27 -9.31 2.43 9.15
CA GLN C 27 -8.94 2.75 7.78
C GLN C 27 -8.64 1.52 6.95
N LYS C 28 -9.24 1.43 5.76
CA LYS C 28 -8.92 0.40 4.78
C LYS C 28 -8.14 1.00 3.62
N PRO C 29 -7.39 0.19 2.83
CA PRO C 29 -6.58 0.76 1.76
C PRO C 29 -7.40 1.56 0.74
N ASP C 30 -6.81 2.67 0.29
CA ASP C 30 -7.37 3.55 -0.73
C ASP C 30 -8.68 4.22 -0.27
N GLN C 31 -8.86 4.27 1.05
CA GLN C 31 -9.96 4.99 1.67
C GLN C 31 -9.46 5.95 2.74
N SER C 32 -10.27 6.98 3.02
CA SER C 32 -10.02 7.89 4.12
CA SER C 32 -10.00 7.87 4.12
C SER C 32 -10.36 7.19 5.44
N PRO C 33 -9.74 7.59 6.57
CA PRO C 33 -10.11 7.03 7.88
C PRO C 33 -11.56 7.34 8.22
N LYS C 34 -12.19 6.42 8.98
CA LYS C 34 -13.50 6.64 9.55
C LYS C 34 -13.38 6.72 11.07
N LEU C 35 -14.01 7.76 11.65
CA LEU C 35 -14.12 7.83 13.09
C LEU C 35 -14.89 6.62 13.60
N TRP C 36 -14.32 5.97 14.62
CA TRP C 36 -14.81 4.71 15.13
C TRP C 36 -15.28 4.77 16.59
N VAL C 37 -14.44 5.37 17.45
CA VAL C 37 -14.72 5.59 18.85
C VAL C 37 -14.34 7.03 19.21
N HIS C 38 -15.16 7.64 20.08
CA HIS C 38 -14.89 8.97 20.60
C HIS C 38 -15.13 8.99 22.11
N GLY C 39 -14.45 9.91 22.81
CA GLY C 39 -14.55 10.04 24.25
C GLY C 39 -14.24 8.74 24.99
N THR C 40 -13.21 8.04 24.50
CA THR C 40 -12.68 6.79 25.02
C THR C 40 -13.58 5.56 24.83
N SER C 41 -14.89 5.69 25.14
CA SER C 41 -15.78 4.54 25.18
C SER C 41 -17.08 4.66 24.37
N ASN C 42 -17.27 5.77 23.64
CA ASN C 42 -18.48 5.98 22.86
C ASN C 42 -18.31 5.59 21.39
N LEU C 43 -19.11 4.63 20.90
CA LEU C 43 -19.04 4.23 19.50
C LEU C 43 -19.51 5.37 18.60
N ALA C 44 -18.79 5.58 17.50
CA ALA C 44 -19.21 6.49 16.46
C ALA C 44 -20.40 5.92 15.69
N SER C 45 -21.06 6.79 14.92
CA SER C 45 -22.25 6.42 14.18
C SER C 45 -21.99 5.29 13.19
N GLY C 46 -22.87 4.28 13.19
CA GLY C 46 -22.81 3.18 12.25
C GLY C 46 -21.78 2.09 12.59
N VAL C 47 -21.06 2.24 13.71
CA VAL C 47 -20.05 1.28 14.13
C VAL C 47 -20.70 0.08 14.82
N PRO C 48 -20.43 -1.17 14.38
CA PRO C 48 -21.04 -2.34 15.02
C PRO C 48 -20.77 -2.41 16.52
N SER C 49 -21.78 -2.89 17.28
CA SER C 49 -21.72 -2.89 18.74
C SER C 49 -20.72 -3.93 19.28
N ARG C 50 -20.19 -4.79 18.40
CA ARG C 50 -19.10 -5.69 18.80
C ARG C 50 -17.75 -5.03 19.05
N PHE C 51 -17.61 -3.76 18.60
CA PHE C 51 -16.47 -2.94 19.00
C PHE C 51 -16.72 -2.25 20.34
N SER C 52 -15.69 -2.15 21.18
CA SER C 52 -15.79 -1.44 22.45
CA SER C 52 -15.81 -1.38 22.40
C SER C 52 -14.50 -0.66 22.74
N GLY C 53 -14.64 0.60 23.16
CA GLY C 53 -13.49 1.38 23.61
C GLY C 53 -13.50 1.44 25.14
N SER C 54 -12.29 1.44 25.73
CA SER C 54 -12.15 1.65 27.15
C SER C 54 -10.79 2.28 27.47
N GLY C 55 -10.65 2.70 28.72
CA GLY C 55 -9.38 3.22 29.15
C GLY C 55 -9.32 3.24 30.67
N SER C 56 -8.11 3.12 31.19
CA SER C 56 -7.85 3.36 32.58
C SER C 56 -6.36 3.70 32.69
N GLY C 57 -6.03 4.61 33.61
CA GLY C 57 -4.69 5.12 33.78
C GLY C 57 -4.18 5.72 32.46
N THR C 58 -3.06 5.17 31.98
CA THR C 58 -2.47 5.57 30.73
C THR C 58 -2.71 4.54 29.62
N ASP C 59 -3.59 3.57 29.86
CA ASP C 59 -3.79 2.47 28.92
C ASP C 59 -5.18 2.51 28.33
N PHE C 60 -5.24 2.74 27.02
CA PHE C 60 -6.51 2.84 26.33
C PHE C 60 -6.65 1.70 25.33
N THR C 61 -7.86 1.12 25.24
CA THR C 61 -8.03 -0.07 24.44
C THR C 61 -9.20 0.01 23.46
N LEU C 62 -9.04 -0.72 22.35
CA LEU C 62 -10.11 -0.97 21.39
C LEU C 62 -10.24 -2.47 21.26
N THR C 63 -11.39 -2.99 21.67
CA THR C 63 -11.65 -4.42 21.64
C THR C 63 -12.61 -4.75 20.50
N ILE C 64 -12.27 -5.79 19.73
CA ILE C 64 -13.16 -6.37 18.75
C ILE C 64 -13.61 -7.73 19.26
N ASN C 65 -14.88 -7.81 19.66
CA ASN C 65 -15.49 -9.07 20.04
C ASN C 65 -15.87 -9.75 18.72
N SER C 66 -15.70 -11.07 18.68
CA SER C 66 -16.28 -11.88 17.63
C SER C 66 -15.98 -11.27 16.26
N LEU C 67 -14.68 -11.19 15.93
CA LEU C 67 -14.22 -10.56 14.70
C LEU C 67 -14.88 -11.12 13.45
N GLU C 68 -15.25 -10.21 12.56
CA GLU C 68 -15.76 -10.56 11.25
C GLU C 68 -14.78 -10.12 10.17
N ALA C 69 -14.94 -10.70 8.97
CA ALA C 69 -14.09 -10.43 7.82
C ALA C 69 -13.94 -8.94 7.52
N GLU C 70 -15.06 -8.21 7.60
CA GLU C 70 -15.09 -6.76 7.37
C GLU C 70 -14.32 -5.91 8.38
N ASP C 71 -13.88 -6.51 9.50
CA ASP C 71 -13.08 -5.83 10.51
C ASP C 71 -11.58 -5.79 10.20
N ALA C 72 -11.14 -6.55 9.19
CA ALA C 72 -9.77 -6.50 8.70
C ALA C 72 -9.49 -5.10 8.14
N ALA C 73 -8.57 -4.39 8.79
CA ALA C 73 -8.33 -2.96 8.59
C ALA C 73 -7.15 -2.51 9.45
N THR C 74 -6.71 -1.25 9.27
CA THR C 74 -5.78 -0.65 10.23
C THR C 74 -6.57 0.26 11.18
N TYR C 75 -6.24 0.17 12.47
CA TYR C 75 -6.84 1.00 13.50
C TYR C 75 -5.81 1.94 14.12
N TYR C 76 -6.26 3.18 14.38
CA TYR C 76 -5.46 4.23 14.97
C TYR C 76 -6.14 4.85 16.17
N CYS C 77 -5.37 5.09 17.24
CA CYS C 77 -5.80 5.99 18.31
C CYS C 77 -5.31 7.42 18.04
N HIS C 78 -5.91 8.38 18.77
CA HIS C 78 -5.79 9.80 18.48
C HIS C 78 -6.14 10.53 19.77
N HIS C 79 -5.27 11.42 20.24
CA HIS C 79 -5.57 12.21 21.44
C HIS C 79 -4.94 13.60 21.37
N TRP C 80 -5.51 14.52 22.15
CA TRP C 80 -4.99 15.87 22.29
C TRP C 80 -3.99 15.90 23.45
N SER C 81 -2.77 16.35 23.16
CA SER C 81 -1.74 16.44 24.19
C SER C 81 -1.01 17.77 24.09
N ASN C 82 -1.13 18.57 25.14
CA ASN C 82 -0.45 19.86 25.24
C ASN C 82 -1.08 20.83 24.26
N THR C 83 -0.49 20.92 23.07
CA THR C 83 -0.84 21.94 22.09
C THR C 83 -1.01 21.34 20.70
N GLN C 84 -1.19 20.00 20.63
CA GLN C 84 -1.36 19.33 19.37
C GLN C 84 -2.10 18.00 19.49
N TRP C 85 -2.60 17.54 18.34
CA TRP C 85 -3.11 16.18 18.19
C TRP C 85 -1.95 15.21 17.94
N THR C 86 -2.07 14.00 18.49
CA THR C 86 -1.15 12.92 18.22
C THR C 86 -1.95 11.69 17.82
N PHE C 87 -1.58 11.07 16.68
CA PHE C 87 -2.06 9.75 16.33
C PHE C 87 -1.03 8.72 16.77
N GLY C 88 -1.52 7.60 17.31
CA GLY C 88 -0.64 6.46 17.52
C GLY C 88 -0.26 5.77 16.20
N GLY C 89 0.72 4.89 16.26
CA GLY C 89 1.07 4.02 15.14
C GLY C 89 -0.15 3.12 14.88
N GLY C 90 -0.35 2.73 13.64
CA GLY C 90 -1.50 1.89 13.35
C GLY C 90 -1.30 0.47 13.87
N THR C 91 -2.41 -0.24 13.99
CA THR C 91 -2.44 -1.68 14.16
C THR C 91 -3.25 -2.27 13.01
N LYS C 92 -2.58 -3.10 12.21
CA LYS C 92 -3.22 -3.71 11.06
C LYS C 92 -3.70 -5.09 11.48
N VAL C 93 -5.02 -5.30 11.38
CA VAL C 93 -5.67 -6.54 11.78
C VAL C 93 -5.96 -7.34 10.51
N GLU C 94 -5.38 -8.55 10.43
CA GLU C 94 -5.58 -9.46 9.31
C GLU C 94 -6.34 -10.70 9.77
N ILE C 95 -6.81 -11.48 8.79
CA ILE C 95 -7.59 -12.68 9.04
C ILE C 95 -6.67 -13.89 9.16
N LYS C 96 -6.78 -14.64 10.26
CA LYS C 96 -6.04 -15.86 10.46
C LYS C 96 -6.84 -17.04 9.89
N ARG C 97 -6.13 -17.92 9.17
CA ARG C 97 -6.71 -19.14 8.61
C ARG C 97 -5.69 -20.28 8.74
N THR C 98 -6.05 -21.48 8.28
CA THR C 98 -5.11 -22.60 8.27
C THR C 98 -3.86 -22.31 7.45
N VAL C 99 -2.73 -22.92 7.83
CA VAL C 99 -1.49 -22.76 7.08
C VAL C 99 -1.68 -23.34 5.69
N ALA C 100 -1.24 -22.59 4.66
CA ALA C 100 -1.25 -23.04 3.27
C ALA C 100 0.13 -22.81 2.64
N ALA C 101 0.70 -23.86 2.05
CA ALA C 101 2.02 -23.75 1.44
C ALA C 101 1.96 -22.95 0.14
N PRO C 102 3.02 -22.18 -0.20
CA PRO C 102 3.09 -21.56 -1.52
C PRO C 102 3.30 -22.58 -2.63
N SER C 103 2.73 -22.28 -3.79
CA SER C 103 3.14 -22.87 -5.06
C SER C 103 4.24 -21.99 -5.66
N VAL C 104 5.39 -22.57 -6.00
CA VAL C 104 6.56 -21.80 -6.36
C VAL C 104 6.84 -21.95 -7.85
N PHE C 105 7.14 -20.81 -8.49
CA PHE C 105 7.51 -20.75 -9.89
C PHE C 105 8.70 -19.82 -10.12
N ILE C 106 9.56 -20.21 -11.06
CA ILE C 106 10.68 -19.37 -11.47
C ILE C 106 10.60 -19.04 -12.96
N PHE C 107 10.94 -17.77 -13.30
CA PHE C 107 10.93 -17.30 -14.67
C PHE C 107 12.28 -16.75 -15.12
N PRO C 108 12.85 -17.25 -16.25
CA PRO C 108 14.10 -16.69 -16.78
C PRO C 108 13.85 -15.32 -17.41
N PRO C 109 14.90 -14.50 -17.60
CA PRO C 109 14.76 -13.25 -18.34
C PRO C 109 14.38 -13.58 -19.79
N SER C 110 13.55 -12.70 -20.37
CA SER C 110 13.19 -12.79 -21.77
C SER C 110 14.36 -12.40 -22.66
N ASP C 111 14.37 -12.98 -23.88
CA ASP C 111 15.34 -12.62 -24.88
C ASP C 111 15.22 -11.14 -25.23
N GLU C 112 13.98 -10.63 -25.22
CA GLU C 112 13.70 -9.22 -25.51
C GLU C 112 14.45 -8.31 -24.52
N GLN C 113 14.38 -8.62 -23.23
CA GLN C 113 15.05 -7.83 -22.21
C GLN C 113 16.57 -7.91 -22.32
N LEU C 114 17.09 -9.12 -22.55
CA LEU C 114 18.52 -9.35 -22.62
C LEU C 114 19.19 -8.56 -23.74
N LYS C 115 18.46 -8.30 -24.83
CA LYS C 115 19.05 -7.58 -25.94
C LYS C 115 19.41 -6.14 -25.57
N SER C 116 18.94 -5.63 -24.40
CA SER C 116 19.33 -4.31 -23.94
C SER C 116 20.15 -4.26 -22.64
N GLY C 117 20.75 -5.39 -22.24
CA GLY C 117 21.82 -5.38 -21.26
C GLY C 117 21.45 -5.62 -19.79
N THR C 118 20.17 -5.93 -19.50
CA THR C 118 19.74 -6.33 -18.17
C THR C 118 18.93 -7.64 -18.17
N ALA C 119 19.05 -8.39 -17.07
CA ALA C 119 18.35 -9.64 -16.87
C ALA C 119 17.60 -9.57 -15.55
N SER C 120 16.27 -9.65 -15.64
CA SER C 120 15.42 -9.80 -14.47
C SER C 120 15.03 -11.27 -14.38
N VAL C 121 15.29 -11.88 -13.23
CA VAL C 121 14.90 -13.26 -12.94
C VAL C 121 13.83 -13.18 -11.87
N VAL C 122 12.69 -13.84 -12.11
CA VAL C 122 11.51 -13.67 -11.25
C VAL C 122 11.12 -14.98 -10.55
N CYS C 123 10.87 -14.90 -9.24
CA CYS C 123 10.36 -16.01 -8.45
C CYS C 123 9.00 -15.66 -7.86
N LEU C 124 8.01 -16.51 -8.15
CA LEU C 124 6.65 -16.32 -7.68
C LEU C 124 6.31 -17.36 -6.62
N LEU C 125 5.78 -16.85 -5.50
CA LEU C 125 5.21 -17.66 -4.43
C LEU C 125 3.71 -17.37 -4.40
N ASN C 126 2.89 -18.38 -4.71
CA ASN C 126 1.49 -18.11 -4.96
C ASN C 126 0.58 -18.72 -3.88
N ASN C 127 -0.34 -17.87 -3.39
CA ASN C 127 -1.44 -18.27 -2.52
C ASN C 127 -1.02 -19.06 -1.29
N PHE C 128 -0.29 -18.39 -0.39
CA PHE C 128 0.14 -18.98 0.87
C PHE C 128 -0.37 -18.22 2.09
N TYR C 129 -0.25 -18.87 3.26
CA TYR C 129 -0.60 -18.30 4.54
C TYR C 129 0.17 -19.04 5.63
N PRO C 130 0.79 -18.39 6.64
CA PRO C 130 0.77 -16.92 6.82
C PRO C 130 1.71 -16.18 5.86
N ARG C 131 1.78 -14.85 6.05
CA ARG C 131 2.50 -13.96 5.16
C ARG C 131 4.03 -14.14 5.18
N GLU C 132 4.56 -14.64 6.30
CA GLU C 132 5.99 -14.77 6.49
C GLU C 132 6.54 -15.90 5.61
N ALA C 133 7.55 -15.58 4.81
CA ALA C 133 8.16 -16.52 3.88
C ALA C 133 9.58 -16.02 3.63
N LYS C 134 10.49 -16.93 3.26
CA LYS C 134 11.87 -16.55 3.00
C LYS C 134 12.24 -17.06 1.60
N VAL C 135 12.77 -16.15 0.79
CA VAL C 135 13.23 -16.46 -0.55
C VAL C 135 14.75 -16.33 -0.58
N GLN C 136 15.42 -17.38 -1.06
CA GLN C 136 16.87 -17.36 -1.21
C GLN C 136 17.21 -17.60 -2.67
N TRP C 137 17.91 -16.64 -3.28
CA TRP C 137 18.44 -16.76 -4.62
C TRP C 137 19.81 -17.42 -4.59
N LYS C 138 20.05 -18.36 -5.51
CA LYS C 138 21.35 -19.00 -5.64
C LYS C 138 21.70 -18.98 -7.12
N VAL C 139 22.97 -18.69 -7.41
CA VAL C 139 23.46 -18.61 -8.77
C VAL C 139 24.70 -19.51 -8.81
N ASP C 140 24.63 -20.60 -9.59
CA ASP C 140 25.64 -21.64 -9.52
C ASP C 140 25.98 -21.97 -8.06
N ASN C 141 24.93 -22.20 -7.27
CA ASN C 141 25.01 -22.49 -5.85
C ASN C 141 25.74 -21.49 -4.94
N ALA C 142 25.93 -20.24 -5.38
CA ALA C 142 26.36 -19.19 -4.47
C ALA C 142 25.14 -18.39 -4.04
N LEU C 143 24.91 -18.33 -2.73
CA LEU C 143 23.84 -17.53 -2.15
C LEU C 143 24.02 -16.06 -2.53
N GLN C 144 22.92 -15.42 -2.97
CA GLN C 144 22.94 -14.01 -3.33
C GLN C 144 22.36 -13.16 -2.20
N SER C 145 22.91 -11.95 -2.07
CA SER C 145 22.42 -10.93 -1.15
C SER C 145 22.60 -9.56 -1.79
N GLY C 146 21.52 -8.75 -1.78
CA GLY C 146 21.61 -7.33 -2.10
C GLY C 146 21.20 -6.94 -3.52
N ASN C 147 20.80 -7.93 -4.33
CA ASN C 147 20.42 -7.70 -5.72
C ASN C 147 19.01 -8.21 -6.03
N SER C 148 18.14 -8.25 -5.02
CA SER C 148 16.75 -8.63 -5.24
C SER C 148 15.80 -7.66 -4.53
N GLN C 149 14.56 -7.61 -5.01
CA GLN C 149 13.50 -6.80 -4.42
C GLN C 149 12.22 -7.63 -4.46
N GLU C 150 11.41 -7.52 -3.41
CA GLU C 150 10.15 -8.24 -3.43
C GLU C 150 8.93 -7.37 -3.17
N SER C 151 7.78 -7.92 -3.56
CA SER C 151 6.50 -7.27 -3.43
C SER C 151 5.48 -8.33 -2.98
N VAL C 152 4.53 -7.93 -2.13
CA VAL C 152 3.54 -8.84 -1.59
C VAL C 152 2.15 -8.24 -1.80
N THR C 153 1.19 -9.08 -2.21
CA THR C 153 -0.19 -8.65 -2.34
C THR C 153 -0.84 -8.50 -0.97
N GLU C 154 -1.99 -7.82 -0.95
CA GLU C 154 -2.88 -7.80 0.20
C GLU C 154 -3.57 -9.16 0.31
N GLN C 155 -4.21 -9.41 1.46
CA GLN C 155 -4.84 -10.69 1.71
C GLN C 155 -6.02 -10.89 0.75
N ASP C 156 -6.06 -12.05 0.09
CA ASP C 156 -7.14 -12.36 -0.83
C ASP C 156 -8.50 -12.37 -0.13
N SER C 157 -9.51 -11.78 -0.76
CA SER C 157 -10.85 -11.70 -0.19
C SER C 157 -11.53 -13.06 -0.03
N LYS C 158 -11.22 -14.00 -0.93
CA LYS C 158 -11.89 -15.29 -0.95
C LYS C 158 -11.20 -16.32 -0.06
N ASP C 159 -9.87 -16.47 -0.23
CA ASP C 159 -9.14 -17.50 0.50
C ASP C 159 -8.14 -17.01 1.56
N SER C 160 -8.09 -15.69 1.80
CA SER C 160 -7.24 -15.09 2.82
C SER C 160 -5.74 -15.42 2.71
N THR C 161 -5.30 -15.73 1.48
CA THR C 161 -3.89 -15.99 1.20
C THR C 161 -3.19 -14.74 0.70
N TYR C 162 -1.87 -14.87 0.60
CA TYR C 162 -0.95 -13.87 0.08
C TYR C 162 -0.24 -14.46 -1.14
N SER C 163 0.23 -13.58 -2.00
CA SER C 163 1.24 -13.97 -2.99
C SER C 163 2.43 -13.01 -2.91
N LEU C 164 3.58 -13.49 -3.40
CA LEU C 164 4.83 -12.75 -3.31
C LEU C 164 5.64 -12.95 -4.59
N SER C 165 6.22 -11.84 -5.08
N SER C 165 6.27 -11.87 -5.07
CA SER C 165 7.17 -11.89 -6.19
CA SER C 165 7.15 -11.96 -6.24
C SER C 165 8.53 -11.45 -5.65
C SER C 165 8.52 -11.36 -5.88
N SER C 166 9.58 -12.16 -6.07
CA SER C 166 10.96 -11.72 -5.85
C SER C 166 11.65 -11.58 -7.20
N THR C 167 12.29 -10.42 -7.43
CA THR C 167 12.99 -10.17 -8.68
C THR C 167 14.48 -10.01 -8.41
N LEU C 168 15.29 -10.85 -9.03
CA LEU C 168 16.74 -10.75 -9.03
C LEU C 168 17.20 -10.00 -10.27
N THR C 169 17.97 -8.92 -10.09
CA THR C 169 18.40 -8.10 -11.21
C THR C 169 19.91 -8.26 -11.37
N LEU C 170 20.33 -8.70 -12.57
CA LEU C 170 21.73 -8.85 -12.93
C LEU C 170 21.96 -8.09 -14.23
N SER C 171 23.20 -7.65 -14.46
CA SER C 171 23.59 -7.22 -15.80
C SER C 171 23.59 -8.43 -16.74
N LYS C 172 23.47 -8.19 -18.04
CA LYS C 172 23.56 -9.26 -19.03
C LYS C 172 24.88 -10.01 -18.93
N ALA C 173 25.98 -9.26 -18.78
CA ALA C 173 27.30 -9.85 -18.68
C ALA C 173 27.36 -10.84 -17.51
N ASP C 174 26.86 -10.41 -16.34
CA ASP C 174 26.91 -11.25 -15.16
C ASP C 174 25.98 -12.47 -15.32
N TYR C 175 24.80 -12.26 -15.91
CA TYR C 175 23.85 -13.32 -16.17
C TYR C 175 24.47 -14.41 -17.05
N GLU C 176 25.17 -13.97 -18.10
CA GLU C 176 25.83 -14.90 -19.02
C GLU C 176 27.03 -15.65 -18.45
N LYS C 177 27.58 -15.20 -17.32
CA LYS C 177 28.69 -15.88 -16.68
C LYS C 177 28.32 -17.17 -15.95
N HIS C 178 27.02 -17.41 -15.71
CA HIS C 178 26.58 -18.48 -14.81
C HIS C 178 25.54 -19.36 -15.49
N LYS C 179 25.40 -20.61 -15.00
CA LYS C 179 24.47 -21.57 -15.57
C LYS C 179 23.18 -21.72 -14.78
N VAL C 180 23.29 -22.03 -13.47
CA VAL C 180 22.14 -22.50 -12.72
C VAL C 180 21.55 -21.39 -11.87
N TYR C 181 20.25 -21.11 -12.08
CA TYR C 181 19.54 -20.06 -11.36
C TYR C 181 18.42 -20.73 -10.56
N ALA C 182 18.40 -20.45 -9.25
CA ALA C 182 17.59 -21.22 -8.31
C ALA C 182 16.98 -20.27 -7.28
N CYS C 183 15.71 -20.51 -6.98
CA CYS C 183 14.96 -19.82 -5.94
CA CYS C 183 15.10 -19.82 -5.86
C CYS C 183 14.57 -20.85 -4.88
N GLU C 184 15.05 -20.70 -3.63
CA GLU C 184 14.76 -21.64 -2.56
C GLU C 184 13.81 -20.95 -1.58
N VAL C 185 12.68 -21.61 -1.31
CA VAL C 185 11.60 -21.02 -0.53
C VAL C 185 11.40 -21.80 0.76
N THR C 186 11.36 -21.07 1.88
N THR C 186 11.34 -21.05 1.87
N THR C 186 11.35 -21.09 1.89
CA THR C 186 11.01 -21.62 3.17
CA THR C 186 11.04 -21.58 3.19
CA THR C 186 11.01 -21.70 3.16
C THR C 186 9.71 -20.99 3.64
C THR C 186 9.72 -20.98 3.65
C THR C 186 9.77 -21.00 3.71
N HIS C 187 8.85 -21.82 4.24
CA HIS C 187 7.54 -21.38 4.68
C HIS C 187 7.04 -22.41 5.70
N GLN C 188 6.29 -21.94 6.72
CA GLN C 188 5.70 -22.85 7.70
C GLN C 188 4.98 -24.07 7.09
N GLY C 189 4.31 -23.87 5.95
CA GLY C 189 3.57 -24.93 5.27
C GLY C 189 4.43 -25.88 4.44
N LEU C 190 5.74 -25.64 4.36
CA LEU C 190 6.65 -26.48 3.59
C LEU C 190 7.51 -27.25 4.59
N SER C 191 7.41 -28.57 4.57
CA SER C 191 8.09 -29.43 5.52
C SER C 191 9.61 -29.26 5.40
N SER C 192 10.10 -29.15 4.17
N SER C 192 10.11 -29.16 4.17
CA SER C 192 11.47 -28.75 3.91
CA SER C 192 11.47 -28.75 3.91
C SER C 192 11.44 -27.74 2.78
C SER C 192 11.43 -27.73 2.78
N PRO C 193 12.48 -26.89 2.60
CA PRO C 193 12.45 -25.85 1.56
C PRO C 193 12.21 -26.38 0.16
N VAL C 194 11.53 -25.58 -0.67
CA VAL C 194 11.24 -25.96 -2.04
C VAL C 194 12.16 -25.14 -2.94
N THR C 195 12.85 -25.80 -3.87
CA THR C 195 13.72 -25.11 -4.82
C THR C 195 13.18 -25.28 -6.24
N LYS C 196 13.05 -24.15 -6.95
CA LYS C 196 12.81 -24.14 -8.39
C LYS C 196 14.01 -23.53 -9.10
N SER C 197 14.43 -24.17 -10.21
CA SER C 197 15.63 -23.76 -10.92
CA SER C 197 15.67 -23.86 -10.91
C SER C 197 15.50 -23.93 -12.43
N PHE C 198 16.38 -23.22 -13.16
CA PHE C 198 16.57 -23.42 -14.59
C PHE C 198 18.05 -23.26 -14.92
N ASN C 199 18.44 -23.90 -16.04
CA ASN C 199 19.74 -23.76 -16.65
C ASN C 199 19.66 -22.71 -17.75
N ARG C 200 20.55 -21.70 -17.69
CA ARG C 200 20.51 -20.60 -18.63
C ARG C 200 20.58 -21.16 -20.06
N GLY C 201 19.62 -20.72 -20.89
CA GLY C 201 19.56 -21.09 -22.29
C GLY C 201 18.77 -22.35 -22.64
N GLU C 202 18.33 -23.11 -21.63
CA GLU C 202 17.58 -24.33 -21.91
C GLU C 202 16.15 -24.02 -22.32
#